data_6PXJ
#
_entry.id   6PXJ
#
_cell.length_a   81.595
_cell.length_b   151.399
_cell.length_c   50.561
_cell.angle_alpha   90.000
_cell.angle_beta   90.000
_cell.angle_gamma   90.000
#
_symmetry.space_group_name_H-M   'P 21 21 2'
#
loop_
_entity.id
_entity.type
_entity.pdbx_description
1 polymer 'Thrombin light chain'
2 polymer 'Thrombin heavy chain'
3 non-polymer GLYCEROL
4 non-polymer 'MAGNESIUM ION'
5 water water
#
loop_
_entity_poly.entity_id
_entity_poly.type
_entity_poly.pdbx_seq_one_letter_code
_entity_poly.pdbx_strand_id
1 'polypeptide(L)' TFGSGEADCGLRPLFEKKSLEDKTERELLESYIDGR L,A
2 'polypeptide(L)'
;TVEGSDAEIGMSPWQVMLFRKSPQELLCGASLISDRWVLTAAHCLLYPPWDKNFTENDLLVRIGKHSRTRYERNIEKISM
LEKIYIHPRYNWRENLDRDIALMKLKKPVAFSDYIHPVCLPDRETAASLLQAGYKGRVTGWGNLKETWTANVGKGQPSVL
QVVNLPIVERPVCKDSTRIRITDNMFCAGYKPDEGKRGDACEGDSGGPFVMKSPFNNRWYQMGIVSWGEGCDRDGKYGFY
THVFRLKKWIQKVIDQFGE
;
H,B
#
loop_
_chem_comp.id
_chem_comp.type
_chem_comp.name
_chem_comp.formula
GOL non-polymer GLYCEROL 'C3 H8 O3'
MG non-polymer 'MAGNESIUM ION' 'Mg 2'
#
# COMPACT_ATOMS: atom_id res chain seq x y z
N THR A 1 -31.10 -26.45 -5.08
CA THR A 1 -30.51 -25.09 -5.35
C THR A 1 -30.04 -24.52 -4.00
N PHE A 2 -29.11 -23.57 -4.02
CA PHE A 2 -28.60 -22.86 -2.82
C PHE A 2 -29.64 -21.82 -2.40
N GLY A 3 -29.94 -20.96 -3.39
CA GLY A 3 -31.14 -20.10 -3.49
C GLY A 3 -30.89 -18.83 -2.69
N SER A 4 -31.62 -18.68 -1.58
CA SER A 4 -31.44 -17.60 -0.59
C SER A 4 -30.53 -18.09 0.57
N GLY A 5 -30.08 -19.35 0.50
CA GLY A 5 -29.12 -19.93 1.46
C GLY A 5 -29.83 -20.52 2.65
N GLU A 6 -29.10 -20.74 3.76
CA GLU A 6 -29.66 -21.29 5.02
C GLU A 6 -30.93 -20.50 5.35
N ALA A 7 -31.99 -21.17 5.80
CA ALA A 7 -33.23 -20.53 6.29
C ALA A 7 -32.85 -19.51 7.38
N ASP A 8 -31.83 -19.85 8.16
CA ASP A 8 -31.32 -19.21 9.41
C ASP A 8 -30.21 -18.15 9.13
N CYS A 9 -29.79 -17.98 7.90
CA CYS A 9 -28.58 -17.18 7.53
C CYS A 9 -28.72 -15.78 8.11
N GLY A 10 -27.62 -15.19 8.62
CA GLY A 10 -27.57 -13.77 9.01
C GLY A 10 -28.29 -13.41 10.31
N LEU A 11 -28.76 -14.40 11.07
CA LEU A 11 -29.31 -14.15 12.43
C LEU A 11 -28.33 -14.72 13.43
N ARG A 12 -27.72 -13.87 14.22
CA ARG A 12 -26.61 -14.31 15.11
C ARG A 12 -27.14 -14.99 16.37
N PRO A 13 -26.61 -16.19 16.70
CA PRO A 13 -27.00 -16.89 17.93
C PRO A 13 -26.97 -16.06 19.22
N LEU A 14 -26.00 -15.16 19.41
CA LEU A 14 -25.79 -14.43 20.66
C LEU A 14 -26.42 -13.03 20.58
N PHE A 15 -27.05 -12.67 19.46
CA PHE A 15 -27.65 -11.32 19.26
C PHE A 15 -29.10 -11.49 18.82
N GLU A 16 -29.39 -11.56 17.52
CA GLU A 16 -30.79 -11.58 17.00
C GLU A 16 -31.56 -12.72 17.68
N LYS A 17 -30.95 -13.90 17.80
CA LYS A 17 -31.63 -15.12 18.28
C LYS A 17 -32.04 -14.93 19.74
N LYS A 18 -31.35 -14.09 20.50
CA LYS A 18 -31.61 -13.81 21.93
C LYS A 18 -32.16 -12.40 22.19
N SER A 19 -32.61 -11.67 21.17
CA SER A 19 -33.05 -10.26 21.28
C SER A 19 -32.02 -9.41 22.04
N LEU A 20 -30.73 -9.56 21.73
CA LEU A 20 -29.69 -8.69 22.31
C LEU A 20 -29.11 -7.85 21.16
N GLU A 21 -28.72 -6.63 21.46
CA GLU A 21 -28.23 -5.65 20.47
C GLU A 21 -26.72 -5.51 20.67
N ASP A 22 -25.92 -5.48 19.61
CA ASP A 22 -24.45 -5.27 19.77
C ASP A 22 -24.23 -3.76 19.94
N LYS A 23 -23.02 -3.36 20.30
CA LYS A 23 -22.74 -2.04 20.88
C LYS A 23 -22.84 -0.95 19.80
N THR A 24 -22.71 -1.29 18.51
CA THR A 24 -22.67 -0.26 17.45
C THR A 24 -23.69 -0.47 16.32
N GLU A 25 -24.54 -1.49 16.39
CA GLU A 25 -25.47 -1.77 15.27
C GLU A 25 -26.49 -0.61 15.10
N ARG A 26 -26.85 0.09 16.18
CA ARG A 26 -27.87 1.16 16.07
C ARG A 26 -27.35 2.24 15.13
N GLU A 27 -26.04 2.49 15.08
CA GLU A 27 -25.42 3.46 14.16
C GLU A 27 -25.73 3.06 12.70
N LEU A 28 -25.75 1.76 12.39
CA LEU A 28 -26.04 1.27 11.01
C LEU A 28 -27.50 1.54 10.69
N LEU A 29 -28.40 1.12 11.56
CA LEU A 29 -29.84 1.27 11.31
C LEU A 29 -30.21 2.76 11.22
N GLU A 30 -29.58 3.63 12.00
CA GLU A 30 -29.86 5.10 12.01
C GLU A 30 -29.47 5.71 10.68
N SER A 31 -28.45 5.17 10.02
CA SER A 31 -27.95 5.72 8.75
C SER A 31 -29.03 5.53 7.67
N TYR A 32 -29.96 4.56 7.82
CA TYR A 32 -31.02 4.34 6.80
C TYR A 32 -32.13 5.39 6.93
N ILE A 33 -32.26 5.95 8.13
CA ILE A 33 -33.29 6.97 8.49
C ILE A 33 -32.70 8.40 8.32
N ASP A 34 -31.42 8.58 8.66
CA ASP A 34 -30.47 9.64 8.22
C ASP A 34 -30.45 10.75 9.26
N THR B 1 -7.86 -3.13 10.09
CA THR B 1 -8.65 -1.92 10.34
C THR B 1 -7.80 -0.89 11.07
N VAL B 2 -8.20 0.37 11.03
CA VAL B 2 -7.64 1.46 11.87
C VAL B 2 -8.78 2.06 12.68
N GLU B 3 -8.53 2.36 13.96
CA GLU B 3 -9.50 3.13 14.78
C GLU B 3 -10.81 2.35 14.86
N GLY B 4 -10.71 1.02 14.84
CA GLY B 4 -11.89 0.17 15.03
C GLY B 4 -12.13 -0.01 16.52
N SER B 5 -13.18 -0.73 16.88
CA SER B 5 -13.45 -1.11 18.29
C SER B 5 -13.46 -2.63 18.37
N ASP B 6 -13.19 -3.15 19.56
CA ASP B 6 -13.16 -4.60 19.84
C ASP B 6 -14.53 -5.18 19.58
N ALA B 7 -14.60 -6.23 18.74
CA ALA B 7 -15.82 -7.00 18.51
C ALA B 7 -16.25 -7.64 19.83
N GLU B 8 -17.56 -7.73 20.03
CA GLU B 8 -18.14 -8.57 21.08
C GLU B 8 -18.01 -10.03 20.64
N ILE B 9 -18.00 -10.91 21.61
CA ILE B 9 -18.07 -12.37 21.36
C ILE B 9 -19.30 -12.69 20.51
N GLY B 10 -19.11 -13.45 19.41
CA GLY B 10 -20.20 -13.90 18.53
C GLY B 10 -20.85 -12.79 17.70
N MET B 11 -20.23 -11.62 17.62
CA MET B 11 -20.77 -10.44 16.88
C MET B 11 -20.64 -10.63 15.36
N SER B 12 -19.63 -11.37 14.89
CA SER B 12 -19.40 -11.66 13.45
C SER B 12 -19.16 -13.16 13.28
N PRO B 13 -20.18 -14.02 13.46
CA PRO B 13 -19.96 -15.47 13.54
C PRO B 13 -19.72 -16.13 12.18
N TRP B 14 -19.83 -15.33 11.12
CA TRP B 14 -19.51 -15.72 9.74
C TRP B 14 -18.06 -15.34 9.41
N GLN B 15 -17.34 -14.73 10.35
CA GLN B 15 -15.95 -14.29 10.06
C GLN B 15 -15.08 -15.52 9.86
N VAL B 16 -14.26 -15.53 8.80
CA VAL B 16 -13.31 -16.62 8.52
C VAL B 16 -11.93 -15.98 8.34
N MET B 17 -10.93 -16.64 8.91
CA MET B 17 -9.50 -16.29 8.71
C MET B 17 -8.84 -17.29 7.74
N LEU B 18 -8.33 -16.79 6.64
CA LEU B 18 -7.61 -17.56 5.61
C LEU B 18 -6.13 -17.53 6.01
N PHE B 19 -5.57 -18.67 6.36
CA PHE B 19 -4.12 -18.76 6.75
C PHE B 19 -3.30 -19.47 5.68
N ARG B 20 -2.04 -19.08 5.56
CA ARG B 20 -0.96 -19.85 4.92
C ARG B 20 -0.55 -20.94 5.92
N LYS B 21 0.03 -22.05 5.43
CA LYS B 21 0.59 -23.13 6.33
C LYS B 21 2.04 -22.85 6.71
N SER B 22 2.80 -22.26 5.80
CA SER B 22 4.24 -22.03 6.04
C SER B 22 4.63 -20.70 5.41
N PRO B 23 4.94 -19.65 6.18
CA PRO B 23 4.70 -19.63 7.60
C PRO B 23 3.20 -19.71 7.92
N GLN B 24 2.87 -20.10 9.13
CA GLN B 24 1.47 -20.23 9.55
C GLN B 24 1.01 -18.87 10.04
N GLU B 25 0.42 -18.12 9.13
CA GLU B 25 0.02 -16.74 9.42
C GLU B 25 -1.22 -16.38 8.59
N LEU B 26 -1.88 -15.36 9.10
CA LEU B 26 -3.09 -14.80 8.48
C LEU B 26 -2.72 -14.22 7.13
N LEU B 27 -3.44 -14.62 6.12
CA LEU B 27 -3.27 -14.13 4.77
C LEU B 27 -4.36 -13.07 4.51
N CYS B 28 -5.62 -13.39 4.79
CA CYS B 28 -6.74 -12.55 4.32
C CYS B 28 -7.96 -12.85 5.22
N GLY B 29 -8.98 -12.00 5.11
CA GLY B 29 -10.30 -12.29 5.67
C GLY B 29 -11.12 -13.09 4.68
N ALA B 30 -12.29 -13.53 5.11
CA ALA B 30 -13.19 -14.38 4.33
C ALA B 30 -14.49 -14.44 5.12
N SER B 31 -15.49 -15.06 4.55
CA SER B 31 -16.81 -15.15 5.20
C SER B 31 -17.46 -16.50 4.92
N LEU B 32 -18.25 -16.95 5.87
CA LEU B 32 -18.95 -18.25 5.83
C LEU B 32 -20.34 -17.99 5.25
N ILE B 33 -20.66 -18.62 4.15
CA ILE B 33 -21.99 -18.48 3.50
C ILE B 33 -22.81 -19.77 3.58
N SER B 34 -22.23 -20.86 4.03
CA SER B 34 -22.93 -22.13 4.32
C SER B 34 -22.02 -23.00 5.16
N ASP B 35 -22.43 -24.24 5.47
CA ASP B 35 -21.55 -25.14 6.23
C ASP B 35 -20.32 -25.55 5.42
N ARG B 36 -20.25 -25.37 4.10
CA ARG B 36 -19.04 -25.80 3.38
C ARG B 36 -18.55 -24.79 2.34
N TRP B 37 -19.07 -23.58 2.31
CA TRP B 37 -18.64 -22.58 1.28
C TRP B 37 -18.22 -21.31 1.98
N VAL B 38 -17.06 -20.81 1.55
CA VAL B 38 -16.43 -19.58 2.14
C VAL B 38 -16.15 -18.64 0.97
N LEU B 39 -16.46 -17.37 1.17
CA LEU B 39 -16.25 -16.29 0.17
C LEU B 39 -14.99 -15.49 0.56
N THR B 40 -14.18 -15.13 -0.43
CA THR B 40 -13.03 -14.25 -0.19
C THR B 40 -12.79 -13.42 -1.45
N ALA B 41 -11.69 -12.68 -1.44
CA ALA B 41 -11.23 -11.92 -2.61
C ALA B 41 -10.30 -12.80 -3.45
N ALA B 42 -10.47 -12.78 -4.76
CA ALA B 42 -9.58 -13.48 -5.70
C ALA B 42 -8.12 -13.02 -5.49
N HIS B 43 -7.84 -11.73 -5.24
CA HIS B 43 -6.43 -11.23 -5.20
C HIS B 43 -5.69 -11.80 -3.97
N CYS B 44 -6.43 -12.29 -2.97
CA CYS B 44 -5.82 -12.97 -1.82
C CYS B 44 -5.17 -14.30 -2.24
N LEU B 45 -5.66 -14.90 -3.31
CA LEU B 45 -5.26 -16.24 -3.78
C LEU B 45 -4.43 -16.16 -5.08
N LEU B 46 -4.71 -15.18 -5.96
CA LEU B 46 -4.20 -15.15 -7.35
C LEU B 46 -3.75 -13.73 -7.69
N TYR B 47 -2.46 -13.54 -7.91
CA TYR B 47 -1.93 -12.23 -8.39
C TYR B 47 -0.61 -12.50 -9.09
N PRO B 48 -0.68 -12.83 -10.39
CA PRO B 48 0.49 -13.33 -11.09
C PRO B 48 1.74 -12.46 -11.06
N PRO B 49 1.67 -11.12 -11.09
CA PRO B 49 2.91 -10.35 -11.06
C PRO B 49 3.72 -10.61 -9.80
N TRP B 50 3.06 -10.93 -8.72
CA TRP B 50 3.75 -11.16 -7.42
C TRP B 50 4.00 -12.65 -7.19
N ASP B 51 3.83 -13.46 -8.22
CA ASP B 51 4.01 -14.94 -8.15
C ASP B 51 3.10 -15.51 -7.05
N LYS B 52 1.90 -14.96 -6.95
CA LYS B 52 0.89 -15.37 -5.97
C LYS B 52 -0.09 -16.26 -6.71
N ASN B 53 -0.04 -17.53 -6.36
CA ASN B 53 -0.86 -18.50 -7.10
C ASN B 53 -1.18 -19.65 -6.14
N PHE B 54 -1.79 -19.35 -5.00
CA PHE B 54 -2.07 -20.37 -3.96
C PHE B 54 -2.95 -21.47 -4.54
N THR B 55 -2.69 -22.70 -4.11
CA THR B 55 -3.56 -23.87 -4.40
C THR B 55 -4.22 -24.30 -3.08
N GLU B 56 -5.17 -25.21 -3.21
CA GLU B 56 -5.99 -25.73 -2.08
C GLU B 56 -5.07 -26.18 -0.96
N ASN B 57 -3.93 -26.84 -1.26
CA ASN B 57 -3.11 -27.48 -0.19
C ASN B 57 -2.16 -26.48 0.46
N ASP B 58 -2.12 -25.22 0.01
CA ASP B 58 -1.26 -24.17 0.60
C ASP B 58 -1.91 -23.50 1.81
N LEU B 59 -3.21 -23.67 2.04
CA LEU B 59 -3.99 -22.75 2.90
C LEU B 59 -4.78 -23.53 3.92
N LEU B 60 -5.22 -22.86 4.98
CA LEU B 60 -6.27 -23.43 5.84
C LEU B 60 -7.20 -22.32 6.28
N VAL B 61 -8.41 -22.65 6.72
CA VAL B 61 -9.31 -21.62 7.32
C VAL B 61 -9.53 -21.90 8.78
N ARG B 62 -9.58 -20.82 9.52
CA ARG B 62 -10.01 -20.87 10.92
C ARG B 62 -11.30 -20.09 11.08
N ILE B 63 -12.22 -20.67 11.84
CA ILE B 63 -13.62 -20.18 11.94
C ILE B 63 -13.99 -20.13 13.43
N GLY B 64 -14.76 -19.13 13.84
CA GLY B 64 -15.20 -18.95 15.24
C GLY B 64 -14.21 -18.19 16.09
N LYS B 65 -13.25 -17.46 15.49
CA LYS B 65 -12.17 -16.75 16.27
C LYS B 65 -12.55 -15.31 16.69
N HIS B 66 -12.22 -14.98 17.95
CA HIS B 66 -12.30 -13.62 18.50
C HIS B 66 -10.89 -13.11 18.69
N SER B 67 -9.92 -13.99 18.96
CA SER B 67 -8.55 -13.57 19.32
C SER B 67 -7.52 -14.13 18.36
N ARG B 68 -6.59 -13.32 17.85
CA ARG B 68 -5.60 -13.85 16.88
C ARG B 68 -4.39 -14.47 17.61
N THR B 69 -4.30 -14.34 18.95
CA THR B 69 -3.09 -14.70 19.75
C THR B 69 -3.34 -15.88 20.71
N ARG B 70 -4.53 -16.50 20.72
CA ARG B 70 -4.86 -17.67 21.59
C ARG B 70 -5.65 -18.66 20.75
N TYR B 71 -5.31 -19.94 20.82
CA TYR B 71 -6.23 -21.04 20.45
C TYR B 71 -7.44 -20.98 21.38
N GLU B 72 -8.63 -20.85 20.82
CA GLU B 72 -9.90 -20.68 21.55
C GLU B 72 -10.51 -22.09 21.71
N ARG B 73 -10.04 -22.79 22.73
CA ARG B 73 -10.45 -24.17 23.08
C ARG B 73 -11.98 -24.24 23.06
N ASN B 74 -12.55 -25.20 22.30
CA ASN B 74 -14.00 -25.55 22.29
C ASN B 74 -14.86 -24.46 21.63
N ILE B 75 -14.26 -23.55 20.87
CA ILE B 75 -14.96 -22.44 20.15
C ILE B 75 -14.52 -22.52 18.68
N GLU B 76 -13.24 -22.39 18.44
CA GLU B 76 -12.76 -22.17 17.05
C GLU B 76 -12.71 -23.52 16.34
N LYS B 77 -12.83 -23.50 15.03
CA LYS B 77 -12.79 -24.69 14.17
C LYS B 77 -11.82 -24.48 13.02
N ILE B 78 -11.25 -25.57 12.56
CA ILE B 78 -10.26 -25.51 11.46
C ILE B 78 -10.77 -26.38 10.31
N SER B 79 -10.51 -25.92 9.08
CA SER B 79 -10.82 -26.71 7.86
C SER B 79 -9.76 -26.58 6.79
N MET B 80 -9.53 -27.70 6.10
CA MET B 80 -8.69 -27.70 4.89
C MET B 80 -9.64 -27.34 3.73
N LEU B 81 -9.07 -26.93 2.60
CA LEU B 81 -9.84 -26.58 1.38
C LEU B 81 -9.86 -27.76 0.42
N GLU B 82 -11.03 -28.05 -0.13
CA GLU B 82 -11.22 -29.09 -1.15
C GLU B 82 -10.96 -28.47 -2.50
N LYS B 83 -11.42 -27.24 -2.73
CA LYS B 83 -11.38 -26.65 -4.06
C LYS B 83 -11.50 -25.14 -3.97
N ILE B 84 -10.71 -24.44 -4.77
CA ILE B 84 -10.79 -22.96 -4.95
C ILE B 84 -11.43 -22.71 -6.30
N TYR B 85 -12.40 -21.80 -6.36
CA TYR B 85 -12.98 -21.24 -7.59
C TYR B 85 -12.74 -19.72 -7.65
N ILE B 86 -11.86 -19.29 -8.54
CA ILE B 86 -11.68 -17.82 -8.83
C ILE B 86 -12.69 -17.42 -9.90
N HIS B 87 -13.32 -16.24 -9.79
CA HIS B 87 -14.21 -15.74 -10.84
C HIS B 87 -13.47 -15.77 -12.17
N PRO B 88 -14.04 -16.38 -13.24
CA PRO B 88 -13.32 -16.50 -14.50
C PRO B 88 -12.99 -15.14 -15.13
N ARG B 89 -13.74 -14.10 -14.80
CA ARG B 89 -13.53 -12.74 -15.37
C ARG B 89 -12.75 -11.84 -14.40
N TYR B 90 -12.18 -12.40 -13.35
CA TYR B 90 -11.28 -11.64 -12.42
C TYR B 90 -10.21 -10.91 -13.21
N ASN B 91 -10.16 -9.60 -13.11
CA ASN B 91 -9.24 -8.77 -13.96
C ASN B 91 -8.12 -8.21 -13.09
N TRP B 92 -7.09 -8.97 -12.80
CA TRP B 92 -5.97 -8.47 -11.96
C TRP B 92 -5.12 -7.46 -12.74
N ARG B 93 -5.13 -7.52 -14.06
CA ARG B 93 -4.25 -6.67 -14.90
C ARG B 93 -4.65 -5.22 -14.79
N GLU B 94 -5.92 -4.89 -14.60
CA GLU B 94 -6.36 -3.50 -14.69
C GLU B 94 -6.80 -3.01 -13.32
N ASN B 95 -7.83 -3.62 -12.72
CA ASN B 95 -8.56 -2.93 -11.65
C ASN B 95 -9.14 -3.88 -10.61
N LEU B 96 -8.77 -5.17 -10.64
CA LEU B 96 -9.35 -6.20 -9.74
C LEU B 96 -10.86 -6.27 -9.97
N ASP B 97 -11.34 -6.01 -11.17
CA ASP B 97 -12.79 -6.27 -11.46
C ASP B 97 -13.11 -7.73 -11.14
N ARG B 98 -14.27 -7.99 -10.53
CA ARG B 98 -14.74 -9.36 -10.14
C ARG B 98 -13.73 -10.00 -9.20
N ASP B 99 -13.38 -9.28 -8.15
CA ASP B 99 -12.37 -9.73 -7.18
C ASP B 99 -13.06 -10.64 -6.16
N ILE B 100 -13.31 -11.90 -6.56
CA ILE B 100 -14.10 -12.83 -5.72
C ILE B 100 -13.63 -14.24 -6.01
N ALA B 101 -13.65 -15.03 -4.95
CA ALA B 101 -13.33 -16.45 -5.00
C ALA B 101 -14.24 -17.16 -4.03
N LEU B 102 -14.52 -18.42 -4.37
CA LEU B 102 -15.27 -19.33 -3.51
C LEU B 102 -14.36 -20.46 -3.12
N MET B 103 -14.41 -20.85 -1.87
CA MET B 103 -13.60 -21.97 -1.41
C MET B 103 -14.54 -23.00 -0.79
N LYS B 104 -14.40 -24.25 -1.25
CA LYS B 104 -15.16 -25.41 -0.76
C LYS B 104 -14.36 -26.09 0.36
N LEU B 105 -14.96 -26.25 1.52
CA LEU B 105 -14.32 -26.83 2.73
C LEU B 105 -14.33 -28.34 2.57
N LYS B 106 -13.25 -28.99 2.97
CA LYS B 106 -13.08 -30.46 2.79
C LYS B 106 -14.18 -31.17 3.60
N LYS B 107 -14.42 -30.71 4.82
CA LYS B 107 -15.54 -31.20 5.68
C LYS B 107 -16.41 -30.03 6.15
N PRO B 108 -17.75 -30.16 6.11
CA PRO B 108 -18.62 -29.10 6.61
C PRO B 108 -18.38 -28.76 8.08
N VAL B 109 -18.49 -27.49 8.42
CA VAL B 109 -18.30 -26.98 9.79
C VAL B 109 -19.64 -27.06 10.48
N ALA B 110 -19.61 -27.54 11.72
CA ALA B 110 -20.75 -27.43 12.65
C ALA B 110 -21.00 -25.96 13.00
N PHE B 111 -22.26 -25.53 12.94
CA PHE B 111 -22.67 -24.21 13.47
C PHE B 111 -22.75 -24.25 14.98
N SER B 112 -22.55 -23.09 15.60
CA SER B 112 -22.52 -22.92 17.07
C SER B 112 -22.93 -21.49 17.43
N ASP B 113 -22.78 -21.12 18.70
CA ASP B 113 -22.95 -19.71 19.14
C ASP B 113 -21.97 -18.81 18.38
N TYR B 114 -20.85 -19.36 17.93
CA TYR B 114 -19.70 -18.56 17.44
C TYR B 114 -19.50 -18.74 15.95
N ILE B 115 -20.22 -19.66 15.33
CA ILE B 115 -20.03 -20.02 13.90
C ILE B 115 -21.40 -20.09 13.22
N HIS B 116 -21.69 -19.19 12.29
CA HIS B 116 -23.05 -19.06 11.70
C HIS B 116 -22.91 -18.31 10.39
N PRO B 117 -23.58 -18.73 9.31
CA PRO B 117 -23.38 -18.12 8.02
C PRO B 117 -24.09 -16.76 7.92
N VAL B 118 -23.55 -15.92 7.06
CA VAL B 118 -24.15 -14.62 6.71
C VAL B 118 -25.10 -14.89 5.52
N CYS B 119 -26.05 -13.99 5.29
CA CYS B 119 -26.93 -14.03 4.11
C CYS B 119 -26.30 -13.36 2.91
N LEU B 120 -26.59 -13.84 1.73
CA LEU B 120 -26.24 -13.07 0.51
C LEU B 120 -27.48 -12.34 0.00
N PRO B 121 -27.31 -11.08 -0.45
CA PRO B 121 -28.43 -10.25 -0.82
C PRO B 121 -29.15 -10.77 -2.07
N ASP B 122 -30.48 -10.60 -2.10
CA ASP B 122 -31.28 -10.63 -3.36
C ASP B 122 -31.31 -9.23 -4.02
N ARG B 123 -31.90 -9.14 -5.22
CA ARG B 123 -31.98 -7.87 -5.99
C ARG B 123 -32.66 -6.81 -5.13
N GLU B 124 -33.80 -7.14 -4.51
CA GLU B 124 -34.58 -6.23 -3.61
C GLU B 124 -33.66 -5.66 -2.51
N THR B 125 -32.94 -6.54 -1.81
CA THR B 125 -32.13 -6.12 -0.65
C THR B 125 -31.00 -5.19 -1.12
N ALA B 126 -30.31 -5.53 -2.20
CA ALA B 126 -29.21 -4.72 -2.78
C ALA B 126 -29.74 -3.34 -3.18
N ALA B 127 -30.92 -3.32 -3.80
CA ALA B 127 -31.57 -2.06 -4.27
C ALA B 127 -31.88 -1.19 -3.05
N SER B 128 -32.35 -1.77 -1.96
CA SER B 128 -32.77 -1.04 -0.74
C SER B 128 -31.57 -0.53 0.04
N LEU B 129 -30.53 -1.34 0.20
CA LEU B 129 -29.51 -1.13 1.25
C LEU B 129 -28.24 -0.52 0.64
N LEU B 130 -27.94 -0.78 -0.61
CA LEU B 130 -26.63 -0.39 -1.17
C LEU B 130 -26.78 1.00 -1.78
N GLN B 131 -26.81 2.01 -0.93
CA GLN B 131 -27.04 3.42 -1.32
C GLN B 131 -26.10 4.30 -0.53
N ALA B 132 -25.70 5.41 -1.16
CA ALA B 132 -24.74 6.36 -0.59
C ALA B 132 -25.28 6.90 0.73
N GLY B 133 -24.41 7.00 1.73
CA GLY B 133 -24.71 7.50 3.07
C GLY B 133 -25.15 6.40 4.03
N TYR B 134 -25.68 5.29 3.53
CA TYR B 134 -26.04 4.15 4.41
C TYR B 134 -24.73 3.51 4.88
N LYS B 135 -24.67 3.05 6.13
CA LYS B 135 -23.43 2.45 6.68
C LYS B 135 -23.49 0.91 6.67
N GLY B 136 -22.36 0.30 6.36
CA GLY B 136 -22.19 -1.14 6.66
C GLY B 136 -20.95 -1.31 7.52
N ARG B 137 -20.64 -2.56 7.78
CA ARG B 137 -19.67 -2.90 8.82
C ARG B 137 -18.59 -3.80 8.23
N VAL B 138 -17.34 -3.46 8.54
CA VAL B 138 -16.17 -4.27 8.12
C VAL B 138 -15.52 -4.81 9.38
N THR B 139 -15.13 -6.07 9.33
CA THR B 139 -14.46 -6.77 10.45
C THR B 139 -13.09 -7.23 9.99
N GLY B 140 -12.11 -7.13 10.88
CA GLY B 140 -10.73 -7.44 10.52
C GLY B 140 -9.86 -7.26 11.74
N TRP B 141 -8.56 -7.12 11.52
CA TRP B 141 -7.54 -7.15 12.60
C TRP B 141 -6.75 -5.84 12.58
N GLY B 142 -6.38 -5.29 13.74
CA GLY B 142 -5.66 -4.00 13.85
C GLY B 142 -4.37 -4.06 13.03
N ASN B 143 -4.02 -2.95 12.35
CA ASN B 143 -2.92 -2.87 11.36
C ASN B 143 -1.63 -2.40 12.07
N GLN B 156 -1.53 -2.18 19.72
CA GLN B 156 -2.16 -2.89 18.57
C GLN B 156 -3.01 -4.05 19.11
N PRO B 157 -4.35 -4.08 18.84
CA PRO B 157 -5.26 -5.04 19.50
C PRO B 157 -5.14 -6.50 19.07
N SER B 158 -5.47 -7.43 19.95
CA SER B 158 -5.36 -8.89 19.69
C SER B 158 -6.71 -9.47 19.30
N VAL B 159 -7.80 -8.69 19.36
CA VAL B 159 -9.17 -9.25 19.14
C VAL B 159 -9.73 -8.70 17.84
N LEU B 160 -10.71 -9.41 17.32
CA LEU B 160 -11.38 -8.96 16.06
C LEU B 160 -11.84 -7.54 16.24
N GLN B 161 -11.61 -6.70 15.21
CA GLN B 161 -12.00 -5.27 15.21
C GLN B 161 -13.21 -5.05 14.29
N VAL B 162 -13.99 -4.04 14.66
CA VAL B 162 -15.19 -3.68 13.86
C VAL B 162 -15.09 -2.21 13.49
N VAL B 163 -15.39 -1.91 12.25
CA VAL B 163 -15.51 -0.49 11.81
C VAL B 163 -16.85 -0.35 11.07
N ASN B 164 -17.60 0.71 11.36
CA ASN B 164 -18.84 1.01 10.60
C ASN B 164 -18.56 2.19 9.66
N LEU B 165 -18.85 2.05 8.38
CA LEU B 165 -18.38 2.97 7.29
C LEU B 165 -19.54 3.29 6.38
N PRO B 166 -19.69 4.56 5.97
CA PRO B 166 -20.72 4.92 5.00
C PRO B 166 -20.35 4.63 3.55
N ILE B 167 -21.34 4.20 2.79
CA ILE B 167 -21.19 3.97 1.35
C ILE B 167 -20.99 5.36 0.69
N VAL B 168 -20.10 5.45 -0.29
CA VAL B 168 -19.74 6.74 -0.97
C VAL B 168 -20.46 6.82 -2.32
N GLU B 169 -20.82 8.05 -2.70
CA GLU B 169 -21.45 8.25 -4.02
C GLU B 169 -20.49 7.80 -5.12
N ARG B 170 -21.10 7.31 -6.19
CA ARG B 170 -20.38 6.66 -7.31
C ARG B 170 -19.39 7.64 -7.95
N PRO B 171 -19.74 8.88 -8.27
CA PRO B 171 -18.87 9.88 -8.86
C PRO B 171 -17.70 10.26 -7.94
N VAL B 172 -17.98 10.35 -6.65
CA VAL B 172 -16.96 10.68 -5.63
C VAL B 172 -15.97 9.51 -5.55
N CYS B 173 -16.44 8.26 -5.52
CA CYS B 173 -15.52 7.07 -5.56
C CYS B 173 -14.58 7.18 -6.76
N LYS B 174 -15.13 7.37 -7.96
CA LYS B 174 -14.35 7.46 -9.23
C LYS B 174 -13.31 8.59 -9.16
N ASP B 175 -13.66 9.70 -8.57
CA ASP B 175 -12.77 10.89 -8.50
C ASP B 175 -11.65 10.67 -7.50
N SER B 176 -11.77 9.67 -6.60
CA SER B 176 -10.84 9.49 -5.48
C SER B 176 -9.69 8.54 -5.85
N THR B 177 -9.68 7.97 -7.04
CA THR B 177 -8.66 6.97 -7.43
C THR B 177 -8.34 7.10 -8.88
N ARG B 178 -7.16 6.60 -9.27
CA ARG B 178 -6.85 6.50 -10.72
C ARG B 178 -7.40 5.20 -11.29
N ILE B 179 -7.76 4.23 -10.46
CA ILE B 179 -8.28 2.94 -10.96
C ILE B 179 -9.65 3.17 -11.64
N ARG B 180 -9.89 2.46 -12.76
CA ARG B 180 -11.20 2.41 -13.43
C ARG B 180 -12.17 1.62 -12.57
N ILE B 181 -13.17 2.28 -12.04
CA ILE B 181 -14.20 1.70 -11.14
C ILE B 181 -15.33 1.14 -11.99
N THR B 182 -15.71 -0.12 -11.79
CA THR B 182 -16.76 -0.77 -12.59
C THR B 182 -18.05 -0.87 -11.77
N ASP B 183 -19.12 -1.31 -12.44
CA ASP B 183 -20.40 -1.50 -11.72
C ASP B 183 -20.30 -2.74 -10.80
N ASN B 184 -19.22 -3.51 -10.86
CA ASN B 184 -19.03 -4.69 -9.97
C ASN B 184 -18.33 -4.25 -8.69
N MET B 185 -18.19 -2.96 -8.49
CA MET B 185 -17.46 -2.37 -7.34
C MET B 185 -18.31 -1.32 -6.64
N PHE B 186 -17.99 -1.07 -5.40
CA PHE B 186 -18.53 0.08 -4.65
C PHE B 186 -17.46 0.57 -3.68
N CYS B 187 -17.64 1.77 -3.16
CA CYS B 187 -16.61 2.25 -2.22
C CYS B 187 -17.27 2.81 -0.97
N ALA B 188 -16.52 2.80 0.12
CA ALA B 188 -17.07 3.22 1.42
C ALA B 188 -15.97 3.85 2.26
N GLY B 189 -16.36 4.64 3.24
CA GLY B 189 -15.41 5.29 4.14
C GLY B 189 -15.82 6.73 4.37
N TYR B 190 -15.33 7.32 5.45
CA TYR B 190 -15.65 8.72 5.78
C TYR B 190 -14.91 9.67 4.86
N LYS B 191 -15.46 10.87 4.66
CA LYS B 191 -14.86 11.94 3.83
C LYS B 191 -13.63 12.52 4.55
N PRO B 192 -12.66 13.17 3.89
CA PRO B 192 -11.48 13.69 4.58
C PRO B 192 -11.77 14.65 5.74
N ASP B 193 -12.74 15.56 5.59
CA ASP B 193 -13.14 16.56 6.63
C ASP B 193 -13.76 15.94 7.88
N GLU B 194 -14.27 14.71 7.77
CA GLU B 194 -14.83 13.89 8.89
C GLU B 194 -13.70 13.59 9.88
N GLY B 195 -12.49 13.37 9.37
CA GLY B 195 -11.34 13.06 10.23
C GLY B 195 -11.19 11.57 10.45
N LYS B 196 -10.48 11.20 11.51
CA LYS B 196 -10.26 9.77 11.86
C LYS B 196 -11.47 9.28 12.65
N ARG B 197 -12.23 8.33 12.09
CA ARG B 197 -13.41 7.77 12.81
C ARG B 197 -13.59 6.29 12.42
N GLY B 198 -12.53 5.71 11.86
CA GLY B 198 -12.50 4.29 11.48
C GLY B 198 -12.23 4.09 9.99
N ASP B 199 -11.45 3.08 9.66
CA ASP B 199 -11.16 2.76 8.26
C ASP B 199 -10.89 1.26 8.11
N ALA B 200 -11.26 0.74 6.96
CA ALA B 200 -10.85 -0.57 6.44
C ALA B 200 -9.54 -0.38 5.69
N CYS B 201 -8.63 -1.32 5.88
CA CYS B 201 -7.25 -1.23 5.34
C CYS B 201 -7.04 -2.29 4.27
N GLU B 202 -5.96 -2.17 3.51
CA GLU B 202 -5.57 -3.22 2.55
C GLU B 202 -5.51 -4.57 3.28
N GLY B 203 -5.08 -4.56 4.55
CA GLY B 203 -4.93 -5.76 5.39
C GLY B 203 -6.25 -6.49 5.66
N ASP B 204 -7.37 -5.82 5.52
CA ASP B 204 -8.71 -6.40 5.75
C ASP B 204 -9.20 -7.09 4.48
N SER B 205 -8.44 -7.06 3.39
CA SER B 205 -8.73 -7.76 2.10
C SER B 205 -9.40 -9.11 2.29
N GLY B 206 -10.46 -9.34 1.52
CA GLY B 206 -11.15 -10.64 1.54
C GLY B 206 -12.30 -10.68 2.51
N GLY B 207 -12.29 -9.87 3.54
CA GLY B 207 -13.32 -9.93 4.57
C GLY B 207 -14.59 -9.28 4.08
N PRO B 208 -15.68 -9.53 4.81
CA PRO B 208 -17.00 -9.03 4.41
C PRO B 208 -17.31 -7.59 4.83
N PHE B 209 -18.09 -6.93 3.97
CA PHE B 209 -18.77 -5.67 4.28
C PHE B 209 -20.22 -6.08 4.47
N VAL B 210 -20.74 -5.98 5.68
CA VAL B 210 -22.11 -6.48 5.95
C VAL B 210 -23.01 -5.29 6.29
N MET B 211 -24.33 -5.50 6.03
CA MET B 211 -25.35 -4.51 6.39
C MET B 211 -26.51 -5.23 7.06
N LYS B 212 -27.09 -4.64 8.10
CA LYS B 212 -28.25 -5.24 8.81
C LYS B 212 -29.53 -4.68 8.19
N SER B 213 -30.39 -5.56 7.73
CA SER B 213 -31.67 -5.21 7.07
C SER B 213 -32.62 -4.64 8.13
N PRO B 214 -33.23 -3.46 7.92
CA PRO B 214 -34.28 -3.00 8.83
C PRO B 214 -35.56 -3.79 8.57
N PHE B 215 -35.66 -4.50 7.44
CA PHE B 215 -36.89 -5.22 7.06
C PHE B 215 -37.01 -6.54 7.83
N ASN B 216 -35.91 -7.30 7.95
CA ASN B 216 -35.94 -8.66 8.55
C ASN B 216 -34.85 -8.87 9.61
N ASN B 217 -34.10 -7.83 9.93
CA ASN B 217 -33.02 -7.78 10.95
C ASN B 217 -32.00 -8.93 10.74
N ARG B 218 -31.89 -9.44 9.51
CA ARG B 218 -30.76 -10.33 9.08
C ARG B 218 -29.58 -9.49 8.61
N TRP B 219 -28.39 -10.04 8.80
CA TRP B 219 -27.15 -9.50 8.21
C TRP B 219 -26.92 -10.07 6.82
N TYR B 220 -26.64 -9.17 5.89
CA TYR B 220 -26.35 -9.48 4.48
C TYR B 220 -24.93 -9.07 4.13
N GLN B 221 -24.25 -9.91 3.39
CA GLN B 221 -22.89 -9.54 2.90
C GLN B 221 -23.02 -8.85 1.54
N MET B 222 -22.86 -7.54 1.55
CA MET B 222 -23.01 -6.70 0.35
C MET B 222 -21.67 -6.57 -0.39
N GLY B 223 -20.56 -6.65 0.35
CA GLY B 223 -19.24 -6.40 -0.21
C GLY B 223 -18.16 -7.35 0.27
N ILE B 224 -17.08 -7.38 -0.49
CA ILE B 224 -15.83 -8.02 -0.10
C ILE B 224 -14.74 -6.94 -0.21
N VAL B 225 -13.95 -6.76 0.84
CA VAL B 225 -12.80 -5.82 0.80
C VAL B 225 -11.89 -6.17 -0.38
N SER B 226 -11.78 -5.30 -1.39
CA SER B 226 -10.94 -5.58 -2.59
C SER B 226 -9.60 -4.84 -2.49
N TRP B 227 -9.64 -3.56 -2.19
CA TRP B 227 -8.39 -2.80 -1.85
C TRP B 227 -8.67 -1.57 -1.01
N GLY B 228 -7.66 -1.08 -0.32
CA GLY B 228 -7.81 0.10 0.54
C GLY B 228 -6.84 1.18 0.12
N GLU B 229 -7.30 2.40 -0.06
CA GLU B 229 -6.36 3.47 -0.46
C GLU B 229 -6.00 4.34 0.75
N GLY B 230 -6.64 4.12 1.88
CA GLY B 230 -6.34 4.88 3.11
C GLY B 230 -5.41 4.13 4.02
N CYS B 231 -5.52 4.35 5.30
CA CYS B 231 -4.65 3.80 6.37
C CYS B 231 -3.19 4.15 6.11
N ASP B 232 -2.44 3.12 5.58
CA ASP B 232 -0.97 3.25 5.36
C ASP B 232 -0.66 3.95 4.03
N ARG B 233 -1.67 4.44 3.33
CA ARG B 233 -1.51 5.22 2.07
C ARG B 233 -2.23 6.56 2.22
N ASP B 234 -1.97 7.50 1.32
CA ASP B 234 -2.49 8.87 1.43
C ASP B 234 -3.83 9.05 0.71
N GLY B 235 -4.48 7.96 0.33
CA GLY B 235 -5.77 8.06 -0.39
C GLY B 235 -6.97 8.18 0.54
N LYS B 236 -8.17 8.03 -0.02
CA LYS B 236 -9.39 8.32 0.74
C LYS B 236 -10.24 7.11 1.13
N TYR B 237 -10.50 6.20 0.21
CA TYR B 237 -11.54 5.19 0.51
C TYR B 237 -11.11 3.74 0.32
N GLY B 238 -11.97 2.85 0.82
CA GLY B 238 -11.88 1.41 0.53
C GLY B 238 -12.81 1.06 -0.60
N PHE B 239 -12.43 0.04 -1.35
CA PHE B 239 -13.10 -0.41 -2.61
C PHE B 239 -13.52 -1.85 -2.38
N TYR B 240 -14.75 -2.16 -2.76
CA TYR B 240 -15.37 -3.47 -2.40
C TYR B 240 -15.95 -4.12 -3.65
N THR B 241 -15.83 -5.43 -3.72
CA THR B 241 -16.55 -6.25 -4.71
C THR B 241 -18.04 -6.16 -4.37
N HIS B 242 -18.88 -5.95 -5.38
CA HIS B 242 -20.36 -5.84 -5.23
C HIS B 242 -20.94 -7.26 -5.28
N VAL B 243 -21.19 -7.89 -4.15
CA VAL B 243 -21.53 -9.33 -4.05
C VAL B 243 -22.81 -9.63 -4.83
N PHE B 244 -23.81 -8.78 -4.75
CA PHE B 244 -25.09 -9.04 -5.47
C PHE B 244 -24.81 -9.22 -6.96
N ARG B 245 -23.95 -8.37 -7.53
CA ARG B 245 -23.66 -8.41 -8.97
C ARG B 245 -22.99 -9.73 -9.38
N LEU B 246 -22.41 -10.50 -8.46
CA LEU B 246 -21.68 -11.76 -8.79
C LEU B 246 -22.47 -12.97 -8.29
N LYS B 247 -23.69 -12.74 -7.81
CA LYS B 247 -24.47 -13.78 -7.14
C LYS B 247 -24.85 -14.92 -8.08
N LYS B 248 -25.10 -14.67 -9.37
CA LYS B 248 -25.42 -15.79 -10.31
C LYS B 248 -24.25 -16.78 -10.41
N TRP B 249 -23.02 -16.27 -10.41
CA TRP B 249 -21.81 -17.08 -10.50
C TRP B 249 -21.67 -17.88 -9.21
N ILE B 250 -21.87 -17.22 -8.07
CA ILE B 250 -21.80 -17.91 -6.76
C ILE B 250 -22.78 -19.09 -6.79
N GLN B 251 -24.02 -18.83 -7.15
CA GLN B 251 -25.07 -19.89 -7.12
C GLN B 251 -24.71 -21.03 -8.08
N LYS B 252 -24.19 -20.67 -9.24
CA LYS B 252 -23.82 -21.63 -10.30
C LYS B 252 -22.71 -22.54 -9.76
N VAL B 253 -21.68 -21.96 -9.12
CA VAL B 253 -20.56 -22.77 -8.58
C VAL B 253 -21.09 -23.76 -7.52
N ILE B 254 -21.96 -23.28 -6.65
CA ILE B 254 -22.47 -24.11 -5.51
C ILE B 254 -23.42 -25.18 -6.06
N ASP B 255 -24.35 -24.80 -6.92
CA ASP B 255 -25.34 -25.73 -7.52
C ASP B 255 -24.62 -26.80 -8.34
N GLN B 256 -23.54 -26.47 -9.05
CA GLN B 256 -22.96 -27.40 -10.05
C GLN B 256 -21.96 -28.33 -9.40
N PHE B 257 -21.63 -28.12 -8.13
CA PHE B 257 -20.68 -29.03 -7.42
C PHE B 257 -21.20 -30.50 -7.46
N THR C 1 11.97 2.84 4.73
CA THR C 1 12.70 1.59 4.48
C THR C 1 12.21 0.53 5.50
N VAL C 2 12.46 -0.74 5.24
CA VAL C 2 12.38 -1.86 6.24
C VAL C 2 13.67 -2.66 6.15
N GLU C 3 14.10 -3.24 7.28
CA GLU C 3 15.30 -4.12 7.41
C GLU C 3 16.55 -3.33 6.98
N GLY C 4 16.52 -2.01 7.14
CA GLY C 4 17.65 -1.10 6.87
C GLY C 4 18.64 -1.13 8.03
N SER C 5 19.82 -0.54 7.84
CA SER C 5 20.79 -0.29 8.94
C SER C 5 20.86 1.21 9.19
N ASP C 6 21.29 1.65 10.37
CA ASP C 6 21.41 3.09 10.68
C ASP C 6 22.48 3.68 9.80
N ALA C 7 22.23 4.84 9.23
CA ALA C 7 23.25 5.59 8.47
C ALA C 7 24.30 6.07 9.48
N GLU C 8 25.57 6.09 9.07
CA GLU C 8 26.62 6.84 9.80
C GLU C 8 26.36 8.33 9.57
N ILE C 9 26.82 9.18 10.49
CA ILE C 9 26.70 10.64 10.36
C ILE C 9 27.44 11.06 9.09
N GLY C 10 26.76 11.89 8.29
CA GLY C 10 27.28 12.50 7.05
C GLY C 10 27.34 11.49 5.92
N MET C 11 26.70 10.33 6.06
CA MET C 11 26.84 9.27 5.02
C MET C 11 26.00 9.64 3.78
N SER C 12 24.95 10.44 3.95
CA SER C 12 24.04 10.85 2.85
C SER C 12 23.73 12.34 2.95
N PRO C 13 24.74 13.20 2.72
CA PRO C 13 24.60 14.63 2.98
C PRO C 13 23.72 15.40 1.98
N TRP C 14 23.28 14.74 0.89
CA TRP C 14 22.34 15.25 -0.13
C TRP C 14 20.91 14.90 0.26
N GLN C 15 20.71 14.11 1.32
CA GLN C 15 19.37 13.70 1.79
C GLN C 15 18.57 14.96 2.12
N VAL C 16 17.36 15.05 1.58
CA VAL C 16 16.44 16.16 1.89
C VAL C 16 15.11 15.58 2.36
N MET C 17 14.52 16.23 3.36
CA MET C 17 13.17 15.84 3.85
C MET C 17 12.19 16.90 3.37
N LEU C 18 11.13 16.47 2.66
CA LEU C 18 10.06 17.36 2.18
C LEU C 18 8.85 17.30 3.10
N PHE C 19 8.50 18.44 3.67
CA PHE C 19 7.42 18.50 4.66
C PHE C 19 6.28 19.38 4.18
N ARG C 20 5.06 18.97 4.41
CA ARG C 20 3.85 19.84 4.39
C ARG C 20 3.93 20.73 5.64
N LYS C 21 3.71 22.06 5.50
CA LYS C 21 3.79 22.94 6.69
C LYS C 21 2.65 22.62 7.67
N SER C 22 1.41 22.58 7.10
CA SER C 22 0.19 22.38 7.94
C SER C 22 -0.87 21.57 7.20
N PRO C 23 -1.20 20.36 7.72
CA PRO C 23 -0.57 19.81 8.92
C PRO C 23 0.91 19.41 8.77
N GLN C 24 1.75 19.54 9.82
CA GLN C 24 3.23 19.33 9.69
C GLN C 24 3.45 17.83 9.56
N GLU C 25 3.93 17.40 8.40
CA GLU C 25 3.93 15.97 8.02
C GLU C 25 5.12 15.78 7.08
N LEU C 26 5.94 14.80 7.36
CA LEU C 26 6.94 14.36 6.36
C LEU C 26 6.18 13.75 5.17
N LEU C 27 6.28 14.36 3.99
CA LEU C 27 5.61 13.88 2.76
C LEU C 27 6.48 12.84 2.05
N CYS C 28 7.75 13.15 1.93
CA CYS C 28 8.57 12.47 0.90
C CYS C 28 10.04 12.72 1.21
N GLY C 29 10.86 11.91 0.57
CA GLY C 29 12.29 12.19 0.45
C GLY C 29 12.59 13.02 -0.77
N ALA C 30 13.84 13.47 -0.84
CA ALA C 30 14.29 14.40 -1.87
C ALA C 30 15.83 14.43 -1.80
N SER C 31 16.45 15.04 -2.79
CA SER C 31 17.94 15.07 -2.87
C SER C 31 18.42 16.47 -3.24
N LEU C 32 19.57 16.85 -2.68
CA LEU C 32 20.17 18.18 -2.98
C LEU C 32 21.13 18.05 -4.17
N ILE C 33 20.89 18.79 -5.23
CA ILE C 33 21.72 18.67 -6.48
C ILE C 33 22.53 19.96 -6.70
N SER C 34 22.27 21.02 -5.96
CA SER C 34 23.07 22.28 -5.98
C SER C 34 22.66 23.08 -4.75
N ASP C 35 23.24 24.25 -4.50
CA ASP C 35 22.87 24.95 -3.26
C ASP C 35 21.44 25.52 -3.37
N ARG C 36 20.79 25.47 -4.54
CA ARG C 36 19.44 26.08 -4.73
C ARG C 36 18.42 25.06 -5.26
N TRP C 37 18.80 23.82 -5.57
CA TRP C 37 17.96 22.88 -6.38
C TRP C 37 17.86 21.53 -5.67
N VAL C 38 16.61 21.07 -5.52
CA VAL C 38 16.26 19.79 -4.86
C VAL C 38 15.45 19.00 -5.89
N LEU C 39 15.76 17.71 -5.98
CA LEU C 39 15.08 16.78 -6.90
C LEU C 39 14.17 15.85 -6.08
N THR C 40 12.96 15.56 -6.54
CA THR C 40 12.02 14.67 -5.81
C THR C 40 11.13 14.02 -6.88
N ALA C 41 10.13 13.29 -6.42
CA ALA C 41 9.15 12.64 -7.30
C ALA C 41 7.99 13.59 -7.50
N ALA C 42 7.45 13.68 -8.70
CA ALA C 42 6.28 14.53 -8.98
C ALA C 42 5.07 14.08 -8.13
N HIS C 43 4.93 12.79 -7.85
CA HIS C 43 3.70 12.28 -7.20
C HIS C 43 3.64 12.72 -5.76
N CYS C 44 4.78 13.14 -5.20
CA CYS C 44 4.91 13.80 -3.87
C CYS C 44 4.12 15.11 -3.85
N LEU C 45 4.05 15.80 -4.98
CA LEU C 45 3.55 17.19 -5.10
C LEU C 45 2.19 17.22 -5.80
N LEU C 46 1.96 16.31 -6.75
CA LEU C 46 0.79 16.38 -7.66
C LEU C 46 0.23 14.97 -7.83
N TYR C 47 -0.92 14.72 -7.23
CA TYR C 47 -1.64 13.43 -7.41
C TYR C 47 -3.11 13.74 -7.20
N PRO C 48 -3.80 14.21 -8.25
CA PRO C 48 -5.16 14.76 -8.06
C PRO C 48 -6.22 13.84 -7.47
N PRO C 49 -6.20 12.50 -7.70
CA PRO C 49 -7.22 11.63 -7.10
C PRO C 49 -7.25 11.78 -5.58
N TRP C 50 -6.07 11.98 -4.98
CA TRP C 50 -5.93 12.11 -3.52
C TRP C 50 -5.85 13.59 -3.12
N ASP C 51 -6.23 14.51 -4.01
CA ASP C 51 -6.24 15.95 -3.67
C ASP C 51 -4.84 16.34 -3.15
N LYS C 52 -3.77 15.79 -3.73
CA LYS C 52 -2.35 16.17 -3.50
C LYS C 52 -1.96 17.23 -4.57
N ASN C 53 -1.69 18.45 -4.18
CA ASN C 53 -1.91 19.58 -5.12
C ASN C 53 -1.21 20.81 -4.54
N PHE C 54 0.08 20.70 -4.30
CA PHE C 54 0.82 21.66 -3.44
C PHE C 54 1.42 22.74 -4.32
N THR C 55 1.44 23.98 -3.85
CA THR C 55 2.32 25.04 -4.42
C THR C 55 3.48 25.32 -3.44
N GLU C 56 4.37 26.19 -3.88
CA GLU C 56 5.68 26.40 -3.21
C GLU C 56 5.46 26.82 -1.75
N ASN C 57 4.37 27.51 -1.46
CA ASN C 57 4.14 28.08 -0.09
C ASN C 57 3.56 27.02 0.86
N ASP C 58 3.15 25.84 0.37
CA ASP C 58 2.59 24.78 1.22
C ASP C 58 3.68 23.94 1.91
N LEU C 59 4.91 24.04 1.46
CA LEU C 59 5.96 23.06 1.76
C LEU C 59 7.19 23.71 2.38
N LEU C 60 8.00 22.89 3.01
CA LEU C 60 9.40 23.31 3.29
C LEU C 60 10.30 22.10 3.24
N VAL C 61 11.61 22.31 3.21
CA VAL C 61 12.55 21.17 3.28
C VAL C 61 13.48 21.34 4.49
N ARG C 62 13.84 20.22 5.06
CA ARG C 62 14.92 20.09 6.10
C ARG C 62 16.07 19.33 5.45
N ILE C 63 17.27 19.85 5.66
CA ILE C 63 18.52 19.29 5.07
C ILE C 63 19.51 19.11 6.23
N GLY C 64 20.35 18.09 6.16
CA GLY C 64 21.39 17.83 7.18
C GLY C 64 20.83 17.10 8.38
N LYS C 65 19.62 16.54 8.29
CA LYS C 65 18.93 15.98 9.46
C LYS C 65 19.18 14.48 9.58
N HIS C 66 19.87 14.04 10.62
CA HIS C 66 20.23 12.63 10.85
C HIS C 66 19.14 11.92 11.63
N SER C 67 18.45 12.64 12.52
CA SER C 67 17.48 12.05 13.46
C SER C 67 16.09 12.58 13.14
N ARG C 68 15.11 11.71 13.05
CA ARG C 68 13.76 12.22 12.70
C ARG C 68 13.15 12.92 13.92
N THR C 69 13.45 12.43 15.11
CA THR C 69 12.79 12.91 16.35
C THR C 69 13.61 13.92 17.14
N ARG C 70 14.87 14.15 16.79
CA ARG C 70 15.71 15.08 17.59
C ARG C 70 16.12 16.29 16.77
N TYR C 71 16.06 17.47 17.38
CA TYR C 71 16.46 18.69 16.65
C TYR C 71 17.94 18.93 16.86
N GLU C 72 18.71 18.97 15.77
CA GLU C 72 20.16 19.28 15.82
C GLU C 72 20.28 20.74 15.38
N ARG C 73 20.44 21.63 16.36
CA ARG C 73 20.37 23.11 16.28
C ARG C 73 21.40 23.74 15.34
N ASN C 74 22.64 23.31 15.35
CA ASN C 74 23.61 23.98 14.45
C ASN C 74 23.91 23.13 13.22
N ILE C 75 23.15 22.06 13.02
CA ILE C 75 23.44 21.10 11.91
C ILE C 75 22.31 21.10 10.87
N GLU C 76 21.10 20.78 11.30
CA GLU C 76 19.95 20.73 10.36
C GLU C 76 19.53 22.14 9.93
N LYS C 77 19.19 22.29 8.66
CA LYS C 77 18.76 23.59 8.13
C LYS C 77 17.38 23.46 7.48
N ILE C 78 16.58 24.50 7.57
CA ILE C 78 15.25 24.59 6.90
C ILE C 78 15.41 25.52 5.72
N SER C 79 14.75 25.20 4.62
N SER C 79 14.80 25.17 4.59
CA SER C 79 14.65 26.08 3.45
CA SER C 79 14.61 26.11 3.48
C SER C 79 13.19 26.15 3.01
C SER C 79 13.16 26.15 3.06
N MET C 80 12.71 27.35 2.69
CA MET C 80 11.45 27.57 1.95
C MET C 80 11.71 27.38 0.46
N LEU C 81 10.63 27.19 -0.28
CA LEU C 81 10.73 26.96 -1.74
C LEU C 81 10.30 28.24 -2.47
N GLU C 82 10.97 28.54 -3.56
CA GLU C 82 10.64 29.68 -4.46
C GLU C 82 9.66 29.21 -5.54
N LYS C 83 9.86 27.98 -6.04
CA LYS C 83 9.12 27.49 -7.23
C LYS C 83 9.26 25.97 -7.36
N ILE C 84 8.21 25.35 -7.90
CA ILE C 84 8.13 23.91 -8.18
C ILE C 84 8.06 23.77 -9.70
N TYR C 85 8.68 22.73 -10.24
CA TYR C 85 8.68 22.40 -11.68
C TYR C 85 8.31 20.93 -11.78
N ILE C 86 7.16 20.63 -12.37
CA ILE C 86 6.73 19.22 -12.60
C ILE C 86 6.91 18.89 -14.05
N HIS C 87 7.52 17.74 -14.32
CA HIS C 87 7.68 17.34 -15.74
C HIS C 87 6.34 17.45 -16.46
N PRO C 88 6.29 18.15 -17.63
CA PRO C 88 5.02 18.30 -18.32
C PRO C 88 4.41 17.03 -18.90
N ARG C 89 5.17 15.93 -18.98
CA ARG C 89 4.65 14.63 -19.42
C ARG C 89 4.60 13.64 -18.25
N TYR C 90 4.72 14.06 -17.00
CA TYR C 90 4.43 13.20 -15.81
C TYR C 90 3.02 12.64 -15.97
N ASN C 91 2.89 11.32 -15.92
CA ASN C 91 1.65 10.56 -16.23
C ASN C 91 1.22 9.86 -14.94
N TRP C 92 0.35 10.51 -14.17
CA TRP C 92 -0.11 9.92 -12.89
C TRP C 92 -1.32 9.02 -13.13
N ARG C 93 -2.07 9.23 -14.20
CA ARG C 93 -3.32 8.47 -14.44
C ARG C 93 -2.97 7.03 -14.80
N GLU C 94 -1.82 6.77 -15.43
CA GLU C 94 -1.52 5.39 -15.89
C GLU C 94 -0.43 4.75 -15.02
N ASN C 95 0.80 5.28 -15.03
CA ASN C 95 1.96 4.50 -14.57
C ASN C 95 3.04 5.33 -13.87
N LEU C 96 2.79 6.59 -13.54
CA LEU C 96 3.82 7.53 -12.97
C LEU C 96 5.00 7.64 -13.94
N ASP C 97 4.80 7.48 -15.25
CA ASP C 97 5.91 7.75 -16.20
C ASP C 97 6.40 9.20 -15.99
N ARG C 98 7.72 9.44 -15.99
CA ARG C 98 8.37 10.76 -15.78
C ARG C 98 7.91 11.34 -14.43
N ASP C 99 8.04 10.54 -13.38
CA ASP C 99 7.74 10.88 -11.98
C ASP C 99 8.92 11.67 -11.43
N ILE C 100 8.98 12.97 -11.78
CA ILE C 100 10.13 13.81 -11.40
C ILE C 100 9.68 15.24 -11.26
N ALA C 101 10.20 15.91 -10.24
CA ALA C 101 10.01 17.34 -10.05
C ALA C 101 11.29 17.95 -9.48
N LEU C 102 11.46 19.24 -9.77
CA LEU C 102 12.53 20.08 -9.19
C LEU C 102 11.88 21.14 -8.29
N MET C 103 12.55 21.47 -7.21
CA MET C 103 12.12 22.57 -6.33
C MET C 103 13.29 23.53 -6.17
N LYS C 104 13.04 24.81 -6.45
CA LYS C 104 14.09 25.84 -6.29
C LYS C 104 13.97 26.43 -4.90
N LEU C 105 15.08 26.54 -4.17
CA LEU C 105 15.04 27.03 -2.77
C LEU C 105 14.94 28.56 -2.79
N LYS C 106 14.30 29.15 -1.79
CA LYS C 106 14.07 30.62 -1.66
C LYS C 106 15.45 31.26 -1.60
N LYS C 107 16.37 30.61 -0.90
CA LYS C 107 17.77 31.06 -0.68
C LYS C 107 18.72 29.86 -0.69
N PRO C 108 19.97 30.04 -1.16
CA PRO C 108 20.95 28.97 -1.20
C PRO C 108 21.20 28.39 0.19
N VAL C 109 21.39 27.07 0.28
CA VAL C 109 21.77 26.39 1.54
C VAL C 109 23.29 26.50 1.61
N ALA C 110 23.81 26.74 2.81
CA ALA C 110 25.26 26.69 3.06
C ALA C 110 25.63 25.21 3.15
N PHE C 111 26.64 24.78 2.38
CA PHE C 111 27.22 23.43 2.47
C PHE C 111 27.99 23.32 3.80
N SER C 112 28.13 22.10 4.27
CA SER C 112 28.72 21.80 5.60
C SER C 112 29.16 20.34 5.55
N ASP C 113 29.66 19.81 6.66
CA ASP C 113 30.06 18.38 6.71
C ASP C 113 28.83 17.49 6.48
N TYR C 114 27.63 18.04 6.73
CA TYR C 114 26.35 17.28 6.81
C TYR C 114 25.46 17.56 5.61
N ILE C 115 25.78 18.59 4.83
CA ILE C 115 24.96 19.13 3.71
C ILE C 115 25.86 19.28 2.50
N HIS C 116 25.58 18.53 1.44
CA HIS C 116 26.48 18.46 0.28
C HIS C 116 25.73 17.82 -0.88
N PRO C 117 25.85 18.36 -2.10
CA PRO C 117 25.08 17.85 -3.22
C PRO C 117 25.61 16.54 -3.79
N VAL C 118 24.65 15.80 -4.38
CA VAL C 118 24.92 14.57 -5.18
C VAL C 118 25.12 14.95 -6.62
N CYS C 119 25.89 14.11 -7.37
CA CYS C 119 26.07 14.28 -8.82
C CYS C 119 24.93 13.68 -9.61
N LEU C 120 24.68 14.22 -10.78
CA LEU C 120 23.75 13.63 -11.78
C LEU C 120 24.55 12.92 -12.85
N PRO C 121 24.11 11.72 -13.28
CA PRO C 121 24.88 10.89 -14.22
C PRO C 121 24.99 11.54 -15.61
N ASP C 122 26.13 11.30 -16.25
CA ASP C 122 26.39 11.47 -17.70
C ASP C 122 26.15 10.11 -18.37
N ARG C 123 26.30 10.03 -19.69
CA ARG C 123 26.05 8.77 -20.45
C ARG C 123 27.01 7.67 -20.01
N GLU C 124 28.30 7.94 -19.80
CA GLU C 124 29.26 6.85 -19.42
C GLU C 124 28.77 6.21 -18.12
N THR C 125 28.48 7.02 -17.10
CA THR C 125 28.04 6.49 -15.79
C THR C 125 26.79 5.65 -15.96
N ALA C 126 25.79 6.15 -16.71
CA ALA C 126 24.46 5.50 -16.85
C ALA C 126 24.66 4.16 -17.55
N ALA C 127 25.38 4.19 -18.67
CA ALA C 127 25.62 2.99 -19.50
C ALA C 127 26.40 1.94 -18.70
N SER C 128 27.35 2.36 -17.86
CA SER C 128 28.29 1.49 -17.13
C SER C 128 27.65 0.87 -15.91
N LEU C 129 26.88 1.69 -15.16
CA LEU C 129 26.38 1.30 -13.80
C LEU C 129 24.92 0.79 -13.82
N LEU C 130 24.09 1.17 -14.79
CA LEU C 130 22.67 0.73 -14.75
C LEU C 130 22.55 -0.62 -15.43
N GLN C 131 23.03 -1.66 -14.76
CA GLN C 131 23.12 -3.04 -15.27
C GLN C 131 22.52 -3.92 -14.22
N ALA C 132 21.85 -4.97 -14.65
CA ALA C 132 21.25 -5.95 -13.72
C ALA C 132 22.30 -6.51 -12.79
N GLY C 133 21.98 -6.59 -11.50
CA GLY C 133 22.84 -7.14 -10.43
C GLY C 133 23.73 -6.08 -9.79
N TYR C 134 24.00 -4.96 -10.42
CA TYR C 134 24.80 -3.86 -9.83
C TYR C 134 23.93 -3.25 -8.73
N LYS C 135 24.54 -2.94 -7.60
CA LYS C 135 23.80 -2.47 -6.40
C LYS C 135 23.83 -0.95 -6.33
N GLY C 136 22.70 -0.35 -5.94
CA GLY C 136 22.66 1.04 -5.50
C GLY C 136 22.11 1.13 -4.10
N ARG C 137 21.91 2.34 -3.63
CA ARG C 137 21.60 2.61 -2.22
C ARG C 137 20.42 3.55 -2.15
N VAL C 138 19.48 3.19 -1.27
CA VAL C 138 18.34 4.06 -0.91
C VAL C 138 18.45 4.44 0.55
N THR C 139 18.11 5.69 0.82
CA THR C 139 18.13 6.24 2.19
C THR C 139 16.73 6.74 2.50
N GLY C 140 16.30 6.53 3.72
CA GLY C 140 14.96 6.96 4.15
C GLY C 140 14.77 6.70 5.62
N TRP C 141 13.52 6.67 6.06
CA TRP C 141 13.20 6.52 7.51
C TRP C 141 12.52 5.18 7.75
N GLY C 142 12.70 4.57 8.92
CA GLY C 142 12.17 3.21 9.18
C GLY C 142 10.65 3.20 9.06
N ASN C 143 10.10 2.25 8.27
CA ASN C 143 8.66 1.91 8.07
C ASN C 143 8.49 1.22 6.70
N SER C 158 14.53 5.94 14.69
CA SER C 158 14.71 7.41 14.87
C SER C 158 15.71 7.97 13.84
N VAL C 159 16.71 7.20 13.41
CA VAL C 159 17.87 7.74 12.62
C VAL C 159 17.70 7.35 11.14
N LEU C 160 18.32 8.11 10.23
CA LEU C 160 18.29 7.80 8.77
C LEU C 160 18.74 6.36 8.58
N GLN C 161 18.05 5.64 7.68
CA GLN C 161 18.21 4.20 7.38
C GLN C 161 18.82 4.04 5.98
N VAL C 162 19.62 3.02 5.82
CA VAL C 162 20.25 2.76 4.51
C VAL C 162 19.89 1.34 4.09
N VAL C 163 19.55 1.13 2.82
CA VAL C 163 19.41 -0.22 2.23
C VAL C 163 20.20 -0.22 0.91
N ASN C 164 20.94 -1.28 0.63
CA ASN C 164 21.68 -1.47 -0.63
C ASN C 164 20.94 -2.56 -1.44
N LEU C 165 20.66 -2.26 -2.71
CA LEU C 165 19.62 -2.95 -3.53
C LEU C 165 20.16 -3.23 -4.91
N PRO C 166 20.03 -4.48 -5.42
CA PRO C 166 20.49 -4.81 -6.76
C PRO C 166 19.49 -4.42 -7.83
N ILE C 167 19.99 -3.85 -8.90
CA ILE C 167 19.18 -3.57 -10.10
C ILE C 167 18.66 -4.90 -10.67
N VAL C 168 17.40 -4.92 -11.07
CA VAL C 168 16.75 -6.10 -11.67
C VAL C 168 16.67 -5.99 -13.17
N GLU C 169 16.79 -7.13 -13.87
CA GLU C 169 16.76 -7.07 -15.34
C GLU C 169 15.36 -6.64 -15.78
N ARG C 170 15.33 -5.90 -16.88
CA ARG C 170 14.11 -5.21 -17.38
C ARG C 170 12.96 -6.18 -17.57
N PRO C 171 13.14 -7.37 -18.21
CA PRO C 171 12.03 -8.31 -18.39
C PRO C 171 11.42 -8.83 -17.09
N VAL C 172 12.25 -8.99 -16.06
CA VAL C 172 11.83 -9.46 -14.71
C VAL C 172 11.06 -8.30 -14.06
N CYS C 173 11.55 -7.07 -14.21
CA CYS C 173 10.84 -5.87 -13.69
CA CYS C 173 10.88 -5.80 -13.81
C CYS C 173 9.43 -5.81 -14.32
N LYS C 174 9.33 -5.98 -15.62
CA LYS C 174 8.03 -5.90 -16.33
C LYS C 174 7.09 -6.99 -15.84
N ASP C 175 7.61 -8.19 -15.61
CA ASP C 175 6.76 -9.32 -15.21
C ASP C 175 6.32 -9.21 -13.74
N SER C 176 6.95 -8.35 -12.93
N SER C 176 6.95 -8.36 -12.92
CA SER C 176 6.80 -8.29 -11.45
CA SER C 176 6.76 -8.34 -11.45
C SER C 176 5.70 -7.30 -11.04
C SER C 176 5.73 -7.28 -11.03
N THR C 177 5.09 -6.62 -11.99
CA THR C 177 4.05 -5.59 -11.70
C THR C 177 2.97 -5.62 -12.78
N ARG C 178 1.76 -5.12 -12.49
CA ARG C 178 0.74 -4.91 -13.50
C ARG C 178 0.94 -3.56 -14.21
N ILE C 179 1.78 -2.71 -13.65
CA ILE C 179 2.02 -1.34 -14.19
C ILE C 179 2.84 -1.44 -15.48
N ARG C 180 2.49 -0.63 -16.49
CA ARG C 180 3.27 -0.58 -17.74
C ARG C 180 4.59 0.18 -17.45
N ILE C 181 5.70 -0.55 -17.49
CA ILE C 181 7.08 -0.03 -17.22
C ILE C 181 7.61 0.59 -18.51
N THR C 182 8.13 1.80 -18.43
CA THR C 182 8.65 2.52 -19.59
C THR C 182 10.17 2.54 -19.53
N ASP C 183 10.78 3.08 -20.61
CA ASP C 183 12.26 3.26 -20.66
C ASP C 183 12.70 4.36 -19.71
N ASN C 184 11.76 5.13 -19.13
CA ASN C 184 12.11 6.19 -18.15
C ASN C 184 12.06 5.62 -16.72
N MET C 185 12.01 4.29 -16.56
CA MET C 185 11.92 3.59 -15.25
C MET C 185 12.90 2.45 -15.19
N PHE C 186 13.35 2.13 -13.97
CA PHE C 186 14.04 0.87 -13.69
C PHE C 186 13.52 0.32 -12.40
N CYS C 187 13.89 -0.91 -12.08
CA CYS C 187 13.50 -1.48 -10.77
CA CYS C 187 13.52 -1.43 -10.75
C CYS C 187 14.69 -2.16 -10.08
N ALA C 188 14.60 -2.22 -8.79
CA ALA C 188 15.68 -2.76 -7.93
C ALA C 188 15.08 -3.44 -6.74
N GLY C 189 15.86 -4.36 -6.15
CA GLY C 189 15.49 -4.94 -4.86
C GLY C 189 15.64 -6.44 -4.87
N TYR C 190 15.51 -6.99 -3.68
CA TYR C 190 15.39 -8.44 -3.45
C TYR C 190 13.91 -8.87 -3.47
N LYS C 191 13.64 -9.96 -4.19
CA LYS C 191 12.43 -10.85 -4.11
C LYS C 191 12.16 -11.26 -2.67
N PRO C 192 10.90 -11.40 -2.19
CA PRO C 192 10.66 -11.96 -0.85
C PRO C 192 11.43 -13.26 -0.64
N ASP C 193 11.50 -14.11 -1.68
CA ASP C 193 12.15 -15.45 -1.52
C ASP C 193 13.65 -15.27 -1.18
N GLU C 194 14.21 -14.06 -1.30
CA GLU C 194 15.68 -13.86 -1.04
C GLU C 194 15.94 -13.66 0.46
N GLY C 195 14.89 -13.59 1.29
CA GLY C 195 15.03 -13.56 2.76
C GLY C 195 14.73 -12.21 3.39
N LYS C 196 15.10 -12.04 4.67
CA LYS C 196 14.94 -10.79 5.45
C LYS C 196 15.97 -9.77 4.94
N ARG C 197 15.61 -9.10 3.85
CA ARG C 197 16.45 -8.12 3.13
C ARG C 197 15.87 -6.72 3.30
N GLY C 198 16.77 -5.73 3.34
CA GLY C 198 16.40 -4.32 3.23
C GLY C 198 15.54 -4.08 1.99
N ASP C 199 14.42 -3.43 2.18
CA ASP C 199 13.57 -2.94 1.06
C ASP C 199 13.51 -1.42 1.11
N ALA C 200 13.36 -0.83 -0.05
CA ALA C 200 12.78 0.51 -0.17
C ALA C 200 11.27 0.33 -0.16
N CYS C 201 10.60 1.34 0.36
CA CYS C 201 9.18 1.35 0.72
C CYS C 201 8.46 2.43 -0.07
N GLU C 202 7.20 2.33 -0.25
CA GLU C 202 6.38 3.44 -0.73
C GLU C 202 6.74 4.71 0.05
N GLY C 203 6.96 4.62 1.36
CA GLY C 203 7.26 5.79 2.20
C GLY C 203 8.60 6.47 1.86
N ASP C 204 9.45 5.82 1.06
CA ASP C 204 10.79 6.34 0.71
C ASP C 204 10.66 7.16 -0.59
N SER C 205 9.43 7.25 -1.12
CA SER C 205 9.09 8.00 -2.36
C SER C 205 9.84 9.32 -2.40
N GLY C 206 10.44 9.62 -3.54
CA GLY C 206 11.00 10.96 -3.82
C GLY C 206 12.49 11.00 -3.53
N GLY C 207 12.93 10.08 -2.68
CA GLY C 207 14.32 9.97 -2.24
C GLY C 207 15.22 9.36 -3.30
N PRO C 208 16.55 9.58 -3.16
CA PRO C 208 17.50 9.13 -4.15
C PRO C 208 17.88 7.64 -4.05
N PHE C 209 18.09 7.08 -5.24
CA PHE C 209 18.84 5.83 -5.48
C PHE C 209 20.21 6.23 -6.06
N VAL C 210 21.24 6.04 -5.26
CA VAL C 210 22.62 6.49 -5.59
C VAL C 210 23.53 5.28 -5.82
N MET C 211 24.56 5.53 -6.61
CA MET C 211 25.62 4.55 -6.94
C MET C 211 26.95 5.27 -6.84
N LYS C 212 27.97 4.58 -6.34
CA LYS C 212 29.33 5.16 -6.24
C LYS C 212 30.11 4.72 -7.47
N SER C 213 30.51 5.67 -8.30
CA SER C 213 31.25 5.41 -9.56
C SER C 213 32.61 4.78 -9.25
N PRO C 214 33.01 3.64 -9.85
CA PRO C 214 34.36 3.11 -9.67
C PRO C 214 35.40 3.89 -10.49
N PHE C 215 34.93 4.73 -11.39
CA PHE C 215 35.79 5.56 -12.29
C PHE C 215 36.30 6.81 -11.58
N ASN C 216 35.47 7.49 -10.76
CA ASN C 216 35.84 8.79 -10.16
C ASN C 216 35.47 8.84 -8.68
N ASN C 217 35.03 7.75 -8.10
CA ASN C 217 34.76 7.63 -6.63
C ASN C 217 33.73 8.70 -6.23
N ARG C 218 32.83 9.08 -7.13
CA ARG C 218 31.76 10.05 -6.80
C ARG C 218 30.44 9.30 -6.71
N TRP C 219 29.56 9.80 -5.84
CA TRP C 219 28.15 9.34 -5.76
C TRP C 219 27.30 10.05 -6.79
N TYR C 220 26.54 9.25 -7.51
CA TYR C 220 25.63 9.69 -8.57
C TYR C 220 24.20 9.25 -8.22
N GLN C 221 23.28 10.17 -8.41
CA GLN C 221 21.84 9.82 -8.29
C GLN C 221 21.33 9.25 -9.62
N MET C 222 21.13 7.94 -9.64
CA MET C 222 20.70 7.17 -10.84
C MET C 222 19.18 7.08 -10.86
N GLY C 223 18.55 7.12 -9.68
CA GLY C 223 17.10 6.97 -9.61
C GLY C 223 16.43 7.84 -8.58
N ILE C 224 15.10 7.94 -8.71
CA ILE C 224 14.21 8.59 -7.70
C ILE C 224 13.20 7.51 -7.33
N VAL C 225 12.96 7.29 -6.05
CA VAL C 225 11.96 6.27 -5.62
C VAL C 225 10.60 6.73 -6.14
N SER C 226 9.99 5.94 -7.01
CA SER C 226 8.68 6.26 -7.63
C SER C 226 7.56 5.50 -6.93
N TRP C 227 7.68 4.19 -6.75
CA TRP C 227 6.73 3.43 -5.92
C TRP C 227 7.38 2.14 -5.49
N GLY C 228 6.83 1.53 -4.45
CA GLY C 228 7.35 0.25 -3.92
C GLY C 228 6.26 -0.78 -3.81
N GLU C 229 6.51 -1.99 -4.32
CA GLU C 229 5.50 -3.06 -4.27
C GLU C 229 5.83 -4.07 -3.16
N GLY C 230 7.02 -4.00 -2.60
CA GLY C 230 7.39 -4.90 -1.50
C GLY C 230 7.21 -4.19 -0.18
N CYS C 231 8.15 -4.33 0.76
CA CYS C 231 8.08 -3.63 2.09
C CYS C 231 6.77 -3.96 2.83
N ASP C 232 5.73 -3.12 2.73
CA ASP C 232 4.44 -3.33 3.45
C ASP C 232 3.36 -3.96 2.57
N ARG C 233 3.72 -4.45 1.39
CA ARG C 233 2.81 -5.16 0.46
C ARG C 233 3.45 -6.49 0.07
N ASP C 234 2.70 -7.36 -0.59
CA ASP C 234 3.16 -8.73 -0.93
C ASP C 234 3.93 -8.80 -2.25
N GLY C 235 4.25 -7.68 -2.86
CA GLY C 235 4.96 -7.66 -4.15
C GLY C 235 6.47 -7.74 -4.02
N LYS C 236 7.18 -7.52 -5.11
CA LYS C 236 8.61 -7.80 -5.12
C LYS C 236 9.55 -6.58 -5.09
N TYR C 237 9.35 -5.63 -5.98
CA TYR C 237 10.42 -4.63 -6.16
C TYR C 237 9.97 -3.18 -6.00
N GLY C 238 10.98 -2.32 -5.89
CA GLY C 238 10.86 -0.88 -5.95
C GLY C 238 11.07 -0.46 -7.39
N PHE C 239 10.43 0.62 -7.79
CA PHE C 239 10.42 1.17 -9.14
C PHE C 239 10.85 2.63 -9.05
N TYR C 240 11.76 3.01 -9.91
CA TYR C 240 12.56 4.25 -9.88
C TYR C 240 12.44 5.02 -11.17
N THR C 241 12.33 6.35 -11.06
CA THR C 241 12.51 7.25 -12.20
C THR C 241 13.96 7.16 -12.65
N HIS C 242 14.20 6.97 -13.94
CA HIS C 242 15.55 6.87 -14.57
C HIS C 242 16.13 8.27 -14.78
N VAL C 243 16.94 8.76 -13.83
CA VAL C 243 17.39 10.16 -13.80
C VAL C 243 18.14 10.51 -15.10
N PHE C 244 19.07 9.68 -15.58
CA PHE C 244 19.80 9.99 -16.85
C PHE C 244 18.81 10.22 -18.01
N ARG C 245 17.79 9.40 -18.13
CA ARG C 245 16.80 9.56 -19.21
C ARG C 245 16.13 10.93 -19.14
N LEU C 246 16.02 11.55 -17.95
CA LEU C 246 15.31 12.81 -17.77
C LEU C 246 16.32 13.94 -17.58
N LYS C 247 17.61 13.69 -17.84
CA LYS C 247 18.67 14.70 -17.57
C LYS C 247 18.51 15.96 -18.45
N LYS C 248 18.14 15.80 -19.71
CA LYS C 248 17.97 16.97 -20.61
C LYS C 248 16.96 17.94 -19.99
N TRP C 249 15.86 17.39 -19.46
CA TRP C 249 14.78 18.23 -18.88
C TRP C 249 15.31 18.95 -17.63
N ILE C 250 16.01 18.19 -16.79
CA ILE C 250 16.62 18.75 -15.54
C ILE C 250 17.51 19.93 -15.93
N GLN C 251 18.41 19.72 -16.88
CA GLN C 251 19.41 20.79 -17.25
C GLN C 251 18.69 21.99 -17.87
N LYS C 252 17.66 21.77 -18.68
CA LYS C 252 16.86 22.80 -19.31
C LYS C 252 16.23 23.66 -18.22
N VAL C 253 15.64 23.05 -17.19
CA VAL C 253 14.95 23.81 -16.12
C VAL C 253 15.96 24.67 -15.37
N ILE C 254 17.05 24.08 -14.94
CA ILE C 254 18.02 24.81 -14.10
C ILE C 254 18.60 25.98 -14.93
N ASP C 255 18.99 25.71 -16.18
CA ASP C 255 19.57 26.71 -17.11
C ASP C 255 18.58 27.85 -17.34
N GLN C 256 17.29 27.55 -17.52
CA GLN C 256 16.28 28.60 -17.87
C GLN C 256 15.90 29.37 -16.60
N PHE C 257 15.74 28.70 -15.45
CA PHE C 257 15.08 29.32 -14.26
C PHE C 257 16.03 29.51 -13.07
N GLY C 258 17.30 29.13 -13.17
CA GLY C 258 18.18 28.96 -11.99
C GLY C 258 19.26 30.01 -11.82
N GLU C 259 19.03 31.26 -12.23
CA GLU C 259 19.98 32.41 -12.04
C GLU C 259 21.13 32.31 -13.06
N GLU D 6 28.19 19.96 -10.57
CA GLU D 6 29.11 21.03 -10.10
C GLU D 6 30.34 20.42 -9.43
N ALA D 7 31.41 21.21 -9.33
CA ALA D 7 32.82 20.77 -9.21
C ALA D 7 32.94 19.62 -8.19
N ASP D 8 32.26 19.78 -7.06
CA ASP D 8 32.51 19.03 -5.80
C ASP D 8 31.45 17.94 -5.59
N CYS D 9 30.48 17.84 -6.50
CA CYS D 9 29.26 17.02 -6.24
C CYS D 9 29.69 15.57 -5.95
N GLY D 10 29.01 14.94 -5.02
CA GLY D 10 29.09 13.49 -4.84
C GLY D 10 30.28 13.03 -4.01
N LEU D 11 31.06 13.97 -3.47
CA LEU D 11 32.23 13.68 -2.62
C LEU D 11 31.88 14.16 -1.22
N ARG D 12 31.75 13.22 -0.30
CA ARG D 12 31.16 13.51 1.01
C ARG D 12 32.25 14.10 1.88
N PRO D 13 31.98 15.25 2.54
CA PRO D 13 32.98 15.83 3.44
C PRO D 13 33.56 14.83 4.45
N LEU D 14 32.73 13.96 5.02
CA LEU D 14 33.14 13.06 6.14
C LEU D 14 33.62 11.70 5.62
N PHE D 15 33.59 11.48 4.30
CA PHE D 15 34.00 10.19 3.72
C PHE D 15 35.05 10.48 2.66
N GLU D 16 34.67 10.58 1.40
CA GLU D 16 35.63 10.67 0.28
C GLU D 16 36.67 11.75 0.56
N LYS D 17 36.24 12.90 1.11
CA LYS D 17 37.12 14.09 1.28
C LYS D 17 38.08 13.87 2.45
N LYS D 18 37.86 12.85 3.28
CA LYS D 18 38.81 12.47 4.34
C LYS D 18 39.44 11.11 4.05
N SER D 19 39.33 10.62 2.82
CA SER D 19 39.79 9.27 2.44
C SER D 19 39.25 8.19 3.39
N LEU D 20 37.96 8.26 3.79
CA LEU D 20 37.28 7.26 4.64
C LEU D 20 36.14 6.62 3.84
N GLU D 21 35.89 5.33 4.10
CA GLU D 21 34.77 4.54 3.51
C GLU D 21 33.69 4.33 4.56
N ASP D 22 32.44 4.34 4.12
CA ASP D 22 31.31 3.99 4.98
C ASP D 22 31.29 2.47 5.09
N LYS D 23 30.42 1.93 5.93
CA LYS D 23 30.45 0.51 6.34
C LYS D 23 29.93 -0.44 5.26
N THR D 24 29.19 0.01 4.25
CA THR D 24 28.60 -0.90 3.25
C THR D 24 28.95 -0.50 1.81
N GLU D 25 29.69 0.59 1.56
CA GLU D 25 30.00 0.98 0.15
C GLU D 25 30.79 -0.12 -0.56
N ARG D 26 31.59 -0.90 0.18
CA ARG D 26 32.33 -2.03 -0.44
C ARG D 26 31.35 -3.03 -1.07
N GLU D 27 30.16 -3.22 -0.47
CA GLU D 27 29.11 -4.13 -1.02
C GLU D 27 28.70 -3.63 -2.43
N LEU D 28 28.56 -2.33 -2.64
CA LEU D 28 28.24 -1.74 -3.98
C LEU D 28 29.39 -2.02 -4.97
N LEU D 29 30.63 -1.70 -4.57
CA LEU D 29 31.81 -1.89 -5.46
C LEU D 29 31.87 -3.35 -5.92
N GLU D 30 31.68 -4.29 -5.01
CA GLU D 30 31.82 -5.74 -5.28
C GLU D 30 30.74 -6.23 -6.22
N SER D 31 29.58 -5.56 -6.28
CA SER D 31 28.50 -5.90 -7.22
C SER D 31 28.88 -5.50 -8.65
N TYR D 32 29.86 -4.59 -8.88
CA TYR D 32 30.10 -3.92 -10.20
C TYR D 32 31.00 -4.90 -11.00
N ILE D 33 30.45 -6.06 -11.37
CA ILE D 33 31.21 -7.25 -11.88
C ILE D 33 30.44 -7.92 -13.03
C1 GOL E . -2.92 -6.87 -5.65
O1 GOL E . -3.47 -7.09 -4.36
C2 GOL E . -3.07 -5.44 -6.16
O2 GOL E . -3.85 -4.61 -5.29
C3 GOL E . -1.72 -4.81 -6.44
O3 GOL E . -1.85 -3.47 -6.89
C1 GOL F . -22.92 1.98 -4.55
O1 GOL F . -23.32 1.29 -5.74
C2 GOL F . -22.37 3.35 -4.88
O2 GOL F . -22.72 4.28 -3.86
C3 GOL F . -20.87 3.37 -5.13
O3 GOL F . -20.09 3.29 -3.94
MG MG G . 10.62 -7.49 1.94
#